data_6XCY
#
_entry.id   6XCY
#
_cell.length_a   66.160
_cell.length_b   66.160
_cell.length_c   285.522
_cell.angle_alpha   90.000
_cell.angle_beta   90.000
_cell.angle_gamma   120.000
#
_symmetry.space_group_name_H-M   'P 65 2 2'
#
loop_
_entity.id
_entity.type
_entity.pdbx_description
1 polymer 'Pepsin A'
2 non-polymer RITONAVIR
3 water water
#
_entity_poly.entity_id   1
_entity_poly.type   'polypeptide(L)'
_entity_poly.pdbx_seq_one_letter_code
;IGDEPLENYLDTEYFGTIGIGTPAQDFTVIFDTGSSNLWVPSVYCSSLACSDHNQFNPDDSSTFEAT(SEP)QELSITYG
TGSMTGILGYDTVQVGGISDTNQIFGLSETEPGSFLYYAPFDGILGLAYPSISASGATPVFDNLWDQGLVSQDLFSVYLS
SNDDSGSVVLLGGIDSSYYTGSLNWVPVSVEGYWQITLDSITMDGETIACSGGCQAIVDTGTSLLTGPTSAIANIQSDIG
ASENSDGEMVISCSSIDSLPDIVFTINGVQYPLSPSAYILQDDDSCTSGFEGMDVPTSSGELWILGDVFIRQYYTVFDRA
NNKVGLAPVA
;
_entity_poly.pdbx_strand_id   A
#
# COMPACT_ATOMS: atom_id res chain seq x y z
N ILE A 1 -10.96 -14.42 12.44
CA ILE A 1 -10.72 -13.75 11.10
C ILE A 1 -11.35 -12.37 11.19
N GLY A 2 -10.59 -11.36 10.80
CA GLY A 2 -11.03 -9.97 10.93
C GLY A 2 -11.21 -9.38 9.53
N ASP A 3 -12.27 -8.62 9.37
CA ASP A 3 -12.65 -8.05 8.08
C ASP A 3 -12.57 -6.53 8.24
N GLU A 4 -11.65 -5.89 7.53
CA GLU A 4 -11.55 -4.44 7.58
C GLU A 4 -11.99 -3.83 6.24
N PRO A 5 -13.20 -3.28 6.15
CA PRO A 5 -13.60 -2.63 4.90
C PRO A 5 -12.69 -1.46 4.58
N LEU A 6 -12.46 -1.24 3.29
CA LEU A 6 -11.69 -0.08 2.85
C LEU A 6 -12.54 0.79 1.93
N GLU A 7 -12.42 2.10 2.10
CA GLU A 7 -13.02 3.02 1.13
C GLU A 7 -12.07 3.21 -0.03
N ASN A 8 -12.58 3.10 -1.24
CA ASN A 8 -11.79 3.34 -2.45
C ASN A 8 -11.96 4.83 -2.79
N TYR A 9 -10.91 5.61 -2.61
CA TYR A 9 -10.94 7.04 -2.88
C TYR A 9 -10.33 7.24 -4.27
N LEU A 10 -11.19 7.34 -5.28
CA LEU A 10 -10.80 7.74 -6.63
C LEU A 10 -9.77 6.77 -7.24
N ASP A 11 -9.79 5.50 -6.84
CA ASP A 11 -8.84 4.50 -7.30
C ASP A 11 -7.40 4.87 -6.97
N THR A 12 -7.19 5.83 -6.07
CA THR A 12 -5.85 6.28 -5.76
C THR A 12 -5.45 6.03 -4.32
N GLU A 13 -6.41 5.92 -3.42
CA GLU A 13 -6.08 5.71 -2.03
C GLU A 13 -7.16 4.83 -1.42
N TYR A 14 -6.73 3.86 -0.63
CA TYR A 14 -7.63 2.93 0.02
C TYR A 14 -7.35 2.99 1.51
N PHE A 15 -8.36 3.41 2.26
CA PHE A 15 -8.19 3.62 3.68
C PHE A 15 -9.42 3.09 4.40
N GLY A 16 -9.19 2.62 5.63
CA GLY A 16 -10.24 2.10 6.46
C GLY A 16 -10.21 2.79 7.81
N THR A 17 -11.29 2.60 8.57
CA THR A 17 -11.38 3.23 9.87
C THR A 17 -10.85 2.30 10.94
N ILE A 18 -10.18 2.88 11.92
CA ILE A 18 -9.77 2.17 13.11
C ILE A 18 -10.20 3.02 14.31
N GLY A 19 -10.29 2.38 15.45
CA GLY A 19 -10.53 3.06 16.71
C GLY A 19 -9.29 2.93 17.59
N ILE A 20 -8.99 3.98 18.35
CA ILE A 20 -7.84 3.96 19.25
C ILE A 20 -8.30 4.49 20.60
N GLY A 21 -8.01 3.76 21.66
CA GLY A 21 -8.27 4.20 23.01
C GLY A 21 -9.57 3.64 23.57
N THR A 22 -9.84 4.01 24.81
CA THR A 22 -11.12 3.68 25.44
C THR A 22 -11.65 4.95 26.11
N PRO A 23 -12.81 5.46 25.68
CA PRO A 23 -13.56 4.92 24.53
C PRO A 23 -12.80 5.16 23.20
N ALA A 24 -13.28 4.53 22.14
CA ALA A 24 -12.56 4.57 20.88
C ALA A 24 -12.67 5.95 20.24
N GLN A 25 -11.51 6.51 19.87
CA GLN A 25 -11.44 7.65 18.96
C GLN A 25 -11.15 7.11 17.56
N ASP A 26 -11.94 7.55 16.58
CA ASP A 26 -11.90 6.97 15.24
C ASP A 26 -10.94 7.71 14.30
N PHE A 27 -10.28 6.96 13.43
CA PHE A 27 -9.36 7.47 12.41
C PHE A 27 -9.48 6.65 11.15
N THR A 28 -9.28 7.32 10.02
CA THR A 28 -9.05 6.66 8.74
C THR A 28 -7.56 6.53 8.54
N VAL A 29 -7.10 5.32 8.18
CA VAL A 29 -5.71 5.08 7.92
C VAL A 29 -5.56 4.34 6.60
N ILE A 30 -4.51 4.69 5.86
CA ILE A 30 -4.09 3.87 4.71
C ILE A 30 -3.63 2.52 5.24
N PHE A 31 -4.14 1.43 4.66
CA PHE A 31 -3.58 0.12 4.95
C PHE A 31 -2.45 -0.15 3.96
N ASP A 32 -1.22 -0.04 4.44
CA ASP A 32 -0.05 0.17 3.60
C ASP A 32 0.94 -1.00 3.71
N THR A 33 0.96 -1.85 2.68
CA THR A 33 1.91 -2.94 2.69
C THR A 33 3.32 -2.49 2.40
N GLY A 34 3.56 -1.22 2.08
CA GLY A 34 4.89 -0.69 1.84
C GLY A 34 5.52 0.01 3.02
N SER A 35 4.95 -0.12 4.22
CA SER A 35 5.59 0.39 5.42
C SER A 35 5.12 -0.44 6.60
N SER A 36 5.64 -0.13 7.79
CA SER A 36 5.41 -0.97 8.96
C SER A 36 5.03 -0.25 10.23
N ASN A 37 4.87 1.06 10.22
CA ASN A 37 4.46 1.80 11.41
C ASN A 37 2.98 2.12 11.33
N LEU A 38 2.36 2.15 12.50
CA LEU A 38 1.04 2.75 12.68
C LEU A 38 1.26 4.11 13.34
N TRP A 39 0.62 5.14 12.79
CA TRP A 39 0.64 6.44 13.46
C TRP A 39 -0.60 7.23 13.06
N VAL A 40 -1.00 8.14 13.93
CA VAL A 40 -2.12 9.04 13.64
C VAL A 40 -1.72 10.43 14.12
N PRO A 41 -2.42 11.46 13.63
CA PRO A 41 -2.19 12.81 14.17
C PRO A 41 -2.58 12.84 15.64
N SER A 42 -1.97 13.76 16.38
CA SER A 42 -2.29 13.91 17.80
C SER A 42 -2.50 15.38 18.17
N VAL A 43 -3.09 15.59 19.34
CA VAL A 43 -3.25 16.94 19.87
C VAL A 43 -1.94 17.65 20.08
N TYR A 44 -0.82 16.91 20.12
CA TYR A 44 0.49 17.52 20.35
C TYR A 44 1.03 18.21 19.11
N CYS A 45 0.37 18.08 17.97
CA CYS A 45 0.90 18.54 16.69
C CYS A 45 0.20 19.82 16.28
N SER A 46 0.97 20.78 15.84
CA SER A 46 0.48 22.08 15.40
C SER A 46 0.52 22.23 13.87
N SER A 47 1.12 21.27 13.14
CA SER A 47 1.19 21.33 11.69
C SER A 47 -0.19 21.51 11.07
N LEU A 48 -0.22 22.03 9.85
CA LEU A 48 -1.51 22.28 9.21
C LEU A 48 -2.23 20.97 8.86
N ALA A 49 -1.47 19.93 8.46
CA ALA A 49 -2.11 18.64 8.17
C ALA A 49 -2.79 18.07 9.40
N CYS A 50 -2.23 18.31 10.58
CA CYS A 50 -2.85 17.85 11.82
C CYS A 50 -4.14 18.62 12.09
N SER A 51 -4.18 19.89 11.72
CA SER A 51 -5.34 20.73 12.04
C SER A 51 -6.57 20.40 11.20
N ASP A 52 -6.42 19.82 10.00
CA ASP A 52 -7.57 19.43 9.20
C ASP A 52 -7.75 17.93 9.11
N HIS A 53 -7.29 17.20 10.14
CA HIS A 53 -7.59 15.79 10.31
C HIS A 53 -7.89 15.47 11.77
N ASN A 54 -8.40 14.26 12.02
CA ASN A 54 -8.69 13.83 13.39
C ASN A 54 -7.40 13.70 14.18
N GLN A 55 -7.43 14.10 15.44
CA GLN A 55 -6.26 14.12 16.30
C GLN A 55 -6.51 13.27 17.52
N PHE A 56 -5.61 12.32 17.78
CA PHE A 56 -5.75 11.48 18.95
C PHE A 56 -5.48 12.28 20.23
N ASN A 57 -6.33 12.11 21.23
CA ASN A 57 -6.23 12.83 22.50
C ASN A 57 -6.00 11.83 23.62
N PRO A 58 -4.75 11.66 24.07
CA PRO A 58 -4.46 10.66 25.11
C PRO A 58 -5.22 10.91 26.39
N ASP A 59 -5.48 12.18 26.73
CA ASP A 59 -6.13 12.52 27.99
C ASP A 59 -7.51 11.89 28.08
N ASP A 60 -8.12 11.53 26.95
CA ASP A 60 -9.48 11.01 26.94
C ASP A 60 -9.50 9.49 26.90
N SER A 61 -8.33 8.84 26.92
CA SER A 61 -8.28 7.38 26.86
C SER A 61 -7.77 6.81 28.19
N SER A 62 -8.58 5.93 28.76
CA SER A 62 -8.28 5.24 30.02
C SER A 62 -7.18 4.18 29.89
N THR A 63 -6.92 3.68 28.67
CA THR A 63 -5.96 2.60 28.48
C THR A 63 -4.65 3.08 27.88
N PHE A 64 -4.51 4.39 27.65
CA PHE A 64 -3.28 4.91 27.05
C PHE A 64 -2.12 4.82 28.02
N GLU A 65 -0.95 4.46 27.51
CA GLU A 65 0.27 4.50 28.31
C GLU A 65 1.36 5.15 27.48
N ALA A 66 1.93 6.23 28.01
CA ALA A 66 2.91 7.01 27.27
C ALA A 66 4.26 6.30 27.23
N THR A 67 5.05 6.65 26.24
CA THR A 67 6.46 6.27 26.20
C THR A 67 7.27 7.54 25.99
N GLN A 69 9.84 7.32 23.88
CA GLN A 69 10.51 7.03 22.60
C GLN A 69 9.92 7.88 21.49
N GLU A 70 10.78 8.55 20.74
CA GLU A 70 10.35 9.38 19.63
C GLU A 70 10.43 8.58 18.33
N LEU A 71 9.85 9.15 17.28
CA LEU A 71 9.63 8.47 16.02
C LEU A 71 9.73 9.50 14.89
N SER A 72 10.31 9.10 13.78
CA SER A 72 10.43 9.92 12.58
C SER A 72 10.27 9.03 11.35
N ILE A 73 9.45 9.43 10.40
CA ILE A 73 9.26 8.66 9.18
C ILE A 73 9.25 9.59 7.98
N THR A 74 9.95 9.20 6.93
CA THR A 74 9.87 9.85 5.64
C THR A 74 9.29 8.86 4.65
N TYR A 75 8.18 9.22 4.03
CA TYR A 75 7.57 8.48 2.96
C TYR A 75 7.99 9.09 1.61
N GLY A 76 7.71 8.34 0.54
CA GLY A 76 7.97 8.86 -0.79
C GLY A 76 7.28 10.18 -1.08
N THR A 77 6.18 10.46 -0.42
CA THR A 77 5.46 11.73 -0.60
C THR A 77 5.76 12.73 0.51
N GLY A 78 5.34 12.44 1.74
CA GLY A 78 5.52 13.34 2.88
C GLY A 78 6.29 12.74 4.04
N SER A 79 6.01 13.16 5.27
CA SER A 79 6.85 12.80 6.40
C SER A 79 6.14 13.18 7.71
N MET A 80 6.63 12.61 8.81
CA MET A 80 6.06 12.94 10.11
C MET A 80 7.11 12.71 11.17
N THR A 81 6.94 13.36 12.31
CA THR A 81 7.68 13.04 13.51
C THR A 81 6.69 12.98 14.65
N GLY A 82 7.04 12.21 15.67
CA GLY A 82 6.18 12.18 16.83
C GLY A 82 6.74 11.37 17.97
N ILE A 83 5.83 10.84 18.75
CA ILE A 83 6.00 10.17 20.04
C ILE A 83 5.38 8.80 19.87
N LEU A 84 5.94 7.80 20.51
CA LEU A 84 5.24 6.52 20.58
C LEU A 84 4.39 6.48 21.84
N GLY A 85 3.32 5.71 21.78
CA GLY A 85 2.52 5.41 22.94
C GLY A 85 1.83 4.08 22.71
N TYR A 86 1.20 3.58 23.77
CA TYR A 86 0.51 2.29 23.74
C TYR A 86 -0.95 2.52 23.98
N ASP A 87 -1.78 1.80 23.23
CA ASP A 87 -3.21 1.77 23.52
C ASP A 87 -3.86 0.58 22.83
N THR A 88 -5.15 0.40 23.09
CA THR A 88 -5.94 -0.60 22.39
C THR A 88 -6.43 -0.01 21.07
N VAL A 89 -6.21 -0.76 20.01
CA VAL A 89 -6.61 -0.39 18.65
C VAL A 89 -7.67 -1.37 18.19
N GLN A 90 -8.80 -0.84 17.71
CA GLN A 90 -9.84 -1.65 17.07
C GLN A 90 -9.60 -1.63 15.57
N VAL A 91 -9.40 -2.80 14.98
CA VAL A 91 -9.13 -2.95 13.56
C VAL A 91 -9.79 -4.23 13.08
N GLY A 92 -10.67 -4.10 12.09
CA GLY A 92 -11.25 -5.27 11.47
C GLY A 92 -12.07 -6.11 12.42
N GLY A 93 -12.64 -5.49 13.44
CA GLY A 93 -13.40 -6.20 14.44
C GLY A 93 -12.57 -6.83 15.52
N ILE A 94 -11.26 -6.60 15.51
CA ILE A 94 -10.34 -7.20 16.49
C ILE A 94 -9.89 -6.12 17.47
N SER A 95 -9.87 -6.48 18.76
CA SER A 95 -9.36 -5.60 19.82
C SER A 95 -7.88 -5.86 20.00
N ASP A 96 -7.07 -5.09 19.28
CA ASP A 96 -5.59 -5.15 19.33
C ASP A 96 -5.11 -4.37 20.55
N THR A 97 -4.95 -5.08 21.65
CA THR A 97 -4.50 -4.50 22.92
C THR A 97 -3.00 -4.28 22.93
N ASN A 98 -2.57 -3.32 23.76
CA ASN A 98 -1.15 -2.99 23.96
C ASN A 98 -0.43 -2.84 22.64
N GLN A 99 -1.05 -2.09 21.73
CA GLN A 99 -0.44 -1.75 20.45
C GLN A 99 0.35 -0.44 20.58
N ILE A 100 1.61 -0.48 20.21
CA ILE A 100 2.42 0.73 20.15
C ILE A 100 2.12 1.44 18.83
N PHE A 101 2.00 2.76 18.89
CA PHE A 101 1.68 3.54 17.71
C PHE A 101 2.25 4.94 17.88
N GLY A 102 2.35 5.64 16.76
CA GLY A 102 2.91 6.96 16.72
C GLY A 102 1.83 8.01 16.87
N LEU A 103 2.14 9.01 17.71
CA LEU A 103 1.30 10.18 17.90
C LEU A 103 2.08 11.31 17.25
N SER A 104 1.55 11.86 16.17
CA SER A 104 2.33 12.85 15.42
C SER A 104 2.51 14.13 16.23
N GLU A 105 3.67 14.75 16.04
CA GLU A 105 3.96 16.06 16.55
C GLU A 105 4.33 17.06 15.46
N THR A 106 4.80 16.59 14.29
CA THR A 106 4.88 17.42 13.09
C THR A 106 4.48 16.59 11.89
N GLU A 107 3.82 17.24 10.95
CA GLU A 107 3.39 16.63 9.69
C GLU A 107 3.55 17.67 8.59
N PRO A 108 4.78 18.00 8.22
CA PRO A 108 4.98 19.08 7.24
C PRO A 108 4.57 18.64 5.84
N GLY A 109 4.43 19.64 4.97
CA GLY A 109 4.25 19.38 3.57
C GLY A 109 2.78 19.43 3.15
N SER A 110 2.59 19.67 1.87
CA SER A 110 1.25 19.86 1.33
C SER A 110 0.43 18.58 1.38
N PHE A 111 1.03 17.45 0.98
CA PHE A 111 0.22 16.32 0.57
C PHE A 111 -0.70 15.84 1.69
N LEU A 112 -0.17 15.70 2.89
CA LEU A 112 -0.99 15.21 3.96
C LEU A 112 -2.09 16.19 4.31
N TYR A 113 -1.93 17.48 3.97
CA TYR A 113 -3.00 18.43 4.23
C TYR A 113 -4.22 18.12 3.39
N TYR A 114 -4.01 17.74 2.12
CA TYR A 114 -5.08 17.49 1.18
C TYR A 114 -5.56 16.04 1.15
N ALA A 115 -4.80 15.11 1.73
CA ALA A 115 -5.21 13.72 1.74
C ALA A 115 -6.48 13.53 2.56
N PRO A 116 -7.38 12.64 2.15
CA PRO A 116 -8.59 12.41 2.94
C PRO A 116 -8.36 11.63 4.22
N PHE A 117 -7.27 10.91 4.34
CA PHE A 117 -7.03 10.04 5.48
C PHE A 117 -6.20 10.72 6.56
N ASP A 118 -6.36 10.22 7.79
CA ASP A 118 -5.66 10.80 8.94
C ASP A 118 -4.24 10.27 9.05
N GLY A 119 -4.06 8.96 8.89
CA GLY A 119 -2.77 8.37 9.19
C GLY A 119 -2.50 7.11 8.40
N ILE A 120 -1.56 6.30 8.87
CA ILE A 120 -1.06 5.16 8.09
C ILE A 120 -0.92 3.96 9.00
N LEU A 121 -1.36 2.80 8.51
CA LEU A 121 -1.22 1.54 9.24
C LEU A 121 -0.40 0.61 8.35
N GLY A 122 0.87 0.45 8.69
CA GLY A 122 1.76 -0.33 7.84
C GLY A 122 1.64 -1.82 8.12
N LEU A 123 1.79 -2.61 7.04
CA LEU A 123 1.57 -4.04 7.08
C LEU A 123 2.79 -4.83 6.62
N ALA A 124 3.97 -4.20 6.61
CA ALA A 124 5.20 -4.83 6.16
C ALA A 124 5.92 -5.40 7.37
N TYR A 125 7.22 -5.72 7.21
CA TYR A 125 7.95 -6.46 8.23
C TYR A 125 8.50 -5.54 9.30
N PRO A 126 8.75 -6.08 10.51
CA PRO A 126 9.26 -5.23 11.59
C PRO A 126 10.62 -4.66 11.29
N SER A 127 11.37 -5.25 10.37
CA SER A 127 12.75 -4.80 10.15
C SER A 127 12.82 -3.40 9.57
N ILE A 128 11.78 -2.91 8.92
CA ILE A 128 11.80 -1.56 8.38
C ILE A 128 10.87 -0.62 9.16
N SER A 129 10.54 -0.96 10.40
CA SER A 129 9.70 -0.11 11.19
C SER A 129 10.53 0.92 11.93
N ALA A 130 10.14 2.18 11.84
CA ALA A 130 10.90 3.24 12.52
C ALA A 130 10.86 3.03 14.04
N SER A 131 12.03 3.23 14.65
CA SER A 131 12.26 3.01 16.07
C SER A 131 11.77 1.66 16.56
N GLY A 132 11.82 0.66 15.69
CA GLY A 132 11.47 -0.70 16.08
C GLY A 132 10.09 -0.87 16.67
N ALA A 133 9.15 0.04 16.34
CA ALA A 133 7.79 -0.12 16.85
C ALA A 133 7.15 -1.39 16.29
N THR A 134 6.63 -2.21 17.15
CA THR A 134 5.97 -3.43 16.72
C THR A 134 4.85 -3.10 15.74
N PRO A 135 4.89 -3.62 14.51
CA PRO A 135 3.78 -3.39 13.57
C PRO A 135 2.49 -4.02 14.08
N VAL A 136 1.36 -3.57 13.53
CA VAL A 136 0.07 -4.00 14.02
C VAL A 136 -0.11 -5.50 13.79
N PHE A 137 0.19 -5.99 12.59
CA PHE A 137 -0.06 -7.39 12.34
C PHE A 137 0.85 -8.30 13.17
N ASP A 138 2.07 -7.84 13.48
CA ASP A 138 2.92 -8.62 14.36
C ASP A 138 2.33 -8.69 15.77
N ASN A 139 1.76 -7.58 16.24
CA ASN A 139 1.14 -7.57 17.55
C ASN A 139 -0.10 -8.46 17.59
N LEU A 140 -0.88 -8.49 16.51
CA LEU A 140 -2.01 -9.41 16.43
C LEU A 140 -1.54 -10.87 16.53
N TRP A 141 -0.54 -11.22 15.75
CA TRP A 141 -0.03 -12.59 15.77
C TRP A 141 0.49 -12.96 17.15
N ASP A 142 1.30 -12.08 17.75
CA ASP A 142 1.93 -12.37 19.05
C ASP A 142 0.90 -12.53 20.17
N GLN A 143 -0.23 -11.84 20.10
CA GLN A 143 -1.31 -12.02 21.07
C GLN A 143 -2.28 -13.11 20.67
N GLY A 144 -2.05 -13.79 19.55
CA GLY A 144 -2.96 -14.83 19.12
C GLY A 144 -4.33 -14.37 18.70
N LEU A 145 -4.47 -13.12 18.23
CA LEU A 145 -5.78 -12.64 17.85
C LEU A 145 -6.16 -13.02 16.43
N VAL A 146 -5.21 -13.52 15.62
CA VAL A 146 -5.53 -14.20 14.38
C VAL A 146 -4.94 -15.60 14.48
N SER A 147 -5.62 -16.58 13.88
CA SER A 147 -5.18 -17.97 13.96
C SER A 147 -4.15 -18.33 12.90
N GLN A 148 -4.23 -17.71 11.72
CA GLN A 148 -3.25 -17.91 10.65
C GLN A 148 -2.45 -16.64 10.44
N ASP A 149 -1.13 -16.77 10.36
CA ASP A 149 -0.21 -15.63 10.28
C ASP A 149 -0.14 -15.08 8.85
N LEU A 150 -1.29 -14.59 8.38
CA LEU A 150 -1.38 -14.07 7.03
C LEU A 150 -2.58 -13.14 6.93
N PHE A 151 -2.60 -12.34 5.87
CA PHE A 151 -3.73 -11.45 5.59
C PHE A 151 -3.81 -11.28 4.08
N SER A 152 -4.98 -10.96 3.60
CA SER A 152 -5.20 -10.79 2.18
C SER A 152 -5.84 -9.46 1.89
N VAL A 153 -5.67 -9.00 0.64
CA VAL A 153 -6.11 -7.67 0.25
C VAL A 153 -6.84 -7.73 -1.07
N TYR A 154 -8.10 -7.27 -1.09
CA TYR A 154 -8.87 -7.05 -2.32
C TYR A 154 -9.09 -5.55 -2.50
N LEU A 155 -8.64 -5.00 -3.62
CA LEU A 155 -8.85 -3.59 -3.91
C LEU A 155 -9.80 -3.50 -5.08
N SER A 156 -10.89 -2.78 -4.88
CA SER A 156 -11.92 -2.64 -5.93
C SER A 156 -11.47 -1.70 -7.04
N SER A 157 -12.15 -1.78 -8.17
CA SER A 157 -11.93 -0.88 -9.29
C SER A 157 -13.13 0.04 -9.49
N ASN A 158 -12.93 1.08 -10.31
CA ASN A 158 -14.01 2.00 -10.70
C ASN A 158 -14.70 2.62 -9.48
N ASP A 159 -13.92 2.87 -8.42
CA ASP A 159 -14.42 3.52 -7.21
C ASP A 159 -15.58 2.76 -6.54
N ASP A 160 -15.70 1.46 -6.81
CA ASP A 160 -16.73 0.66 -6.18
C ASP A 160 -16.41 0.41 -4.70
N SER A 161 -17.46 0.15 -3.93
CA SER A 161 -17.39 -0.43 -2.61
C SER A 161 -16.86 -1.87 -2.72
N GLY A 162 -16.43 -2.43 -1.60
CA GLY A 162 -16.08 -3.82 -1.50
C GLY A 162 -14.60 -4.09 -1.22
N SER A 163 -13.73 -3.12 -1.35
CA SER A 163 -12.34 -3.32 -0.97
C SER A 163 -12.25 -3.77 0.48
N VAL A 164 -11.27 -4.61 0.78
CA VAL A 164 -11.25 -5.26 2.09
C VAL A 164 -9.84 -5.76 2.36
N VAL A 165 -9.41 -5.59 3.61
CA VAL A 165 -8.27 -6.33 4.14
C VAL A 165 -8.80 -7.44 5.04
N LEU A 166 -8.47 -8.69 4.71
CA LEU A 166 -8.93 -9.84 5.49
C LEU A 166 -7.79 -10.29 6.39
N LEU A 167 -7.93 -10.07 7.69
CA LEU A 167 -6.86 -10.38 8.65
C LEU A 167 -7.03 -11.83 9.10
N GLY A 168 -6.05 -12.67 8.78
CA GLY A 168 -6.06 -14.06 9.18
C GLY A 168 -6.78 -14.98 8.22
N GLY A 169 -7.08 -14.52 7.01
CA GLY A 169 -7.90 -15.32 6.11
C GLY A 169 -7.60 -15.09 4.66
N ILE A 170 -8.00 -16.08 3.86
CA ILE A 170 -8.02 -16.02 2.42
C ILE A 170 -9.44 -16.33 2.00
N ASP A 171 -10.03 -15.48 1.14
CA ASP A 171 -11.40 -15.65 0.65
C ASP A 171 -11.37 -15.85 -0.86
N SER A 172 -11.67 -17.05 -1.30
CA SER A 172 -11.69 -17.36 -2.75
C SER A 172 -12.91 -16.80 -3.51
N SER A 173 -13.90 -16.22 -2.79
CA SER A 173 -14.91 -15.44 -3.48
C SER A 173 -14.34 -14.30 -4.29
N TYR A 174 -13.12 -13.87 -3.97
CA TYR A 174 -12.54 -12.65 -4.52
C TYR A 174 -11.59 -12.89 -5.69
N TYR A 175 -11.34 -14.14 -6.06
CA TYR A 175 -10.43 -14.41 -7.17
C TYR A 175 -10.89 -15.65 -7.92
N THR A 176 -10.25 -15.88 -9.04
CA THR A 176 -10.46 -17.04 -9.89
C THR A 176 -9.12 -17.70 -10.14
N GLY A 177 -9.17 -18.94 -10.63
CA GLY A 177 -7.95 -19.71 -10.71
C GLY A 177 -7.43 -20.08 -9.32
N SER A 178 -6.18 -20.49 -9.29
CA SER A 178 -5.46 -20.88 -8.09
C SER A 178 -4.49 -19.79 -7.70
N LEU A 179 -4.22 -19.67 -6.42
CA LEU A 179 -3.24 -18.71 -5.94
C LEU A 179 -1.84 -19.17 -6.32
N ASN A 180 -1.06 -18.27 -6.92
CA ASN A 180 0.36 -18.52 -7.19
C ASN A 180 1.20 -17.88 -6.09
N TRP A 181 2.12 -18.66 -5.53
CA TRP A 181 2.88 -18.21 -4.39
C TRP A 181 4.28 -17.82 -4.82
N VAL A 182 4.71 -16.65 -4.40
CA VAL A 182 5.97 -16.02 -4.79
C VAL A 182 6.79 -15.87 -3.52
N PRO A 183 7.98 -16.46 -3.45
CA PRO A 183 8.83 -16.22 -2.29
C PRO A 183 9.20 -14.74 -2.15
N VAL A 184 9.28 -14.28 -0.91
CA VAL A 184 9.78 -12.95 -0.60
C VAL A 184 11.31 -12.95 -0.77
N SER A 185 11.80 -12.11 -1.67
CA SER A 185 13.25 -12.04 -1.90
C SER A 185 13.98 -11.46 -0.67
N VAL A 186 13.49 -10.36 -0.14
CA VAL A 186 14.12 -9.69 0.99
C VAL A 186 13.02 -9.29 1.95
N GLU A 187 13.11 -9.78 3.20
CA GLU A 187 12.08 -9.50 4.18
C GLU A 187 12.28 -8.11 4.77
N GLY A 188 11.44 -7.18 4.35
CA GLY A 188 11.43 -5.80 4.83
C GLY A 188 10.15 -5.19 4.33
N TYR A 189 10.16 -4.78 3.07
CA TYR A 189 8.97 -4.68 2.28
C TYR A 189 8.49 -6.08 1.94
N TRP A 190 7.31 -6.15 1.34
CA TRP A 190 6.86 -7.38 0.69
C TRP A 190 7.50 -7.40 -0.69
N GLN A 191 8.79 -7.76 -0.68
CA GLN A 191 9.67 -7.61 -1.82
C GLN A 191 9.86 -8.96 -2.50
N ILE A 192 9.71 -8.96 -3.81
CA ILE A 192 9.71 -10.17 -4.63
C ILE A 192 10.58 -9.87 -5.85
N THR A 193 10.92 -10.91 -6.61
CA THR A 193 11.70 -10.72 -7.83
C THR A 193 10.79 -10.73 -9.05
N LEU A 194 10.89 -9.70 -9.86
CA LEU A 194 10.18 -9.61 -11.12
C LEU A 194 11.15 -10.00 -12.22
N ASP A 195 10.75 -10.97 -13.04
CA ASP A 195 11.65 -11.59 -14.01
C ASP A 195 11.71 -10.84 -15.34
N SER A 196 10.68 -10.07 -15.67
CA SER A 196 10.56 -9.50 -17.00
C SER A 196 9.31 -8.63 -17.06
N ILE A 197 9.35 -7.60 -17.89
CA ILE A 197 8.17 -6.85 -18.28
C ILE A 197 8.14 -6.83 -19.79
N THR A 198 7.07 -7.34 -20.37
CA THR A 198 6.99 -7.61 -21.80
C THR A 198 5.76 -6.94 -22.38
N MET A 199 5.78 -6.77 -23.69
CA MET A 199 4.67 -6.14 -24.41
C MET A 199 4.68 -6.67 -25.85
N ASP A 200 3.66 -7.43 -26.23
CA ASP A 200 3.62 -7.95 -27.60
C ASP A 200 4.76 -8.93 -27.85
N GLY A 201 5.14 -9.69 -26.83
CA GLY A 201 6.24 -10.64 -26.92
C GLY A 201 7.62 -10.09 -26.59
N GLU A 202 7.84 -8.78 -26.75
CA GLU A 202 9.14 -8.17 -26.60
C GLU A 202 9.35 -7.61 -25.20
N THR A 203 10.53 -7.87 -24.63
CA THR A 203 10.89 -7.31 -23.34
C THR A 203 11.08 -5.80 -23.44
N ILE A 204 10.40 -5.05 -22.58
CA ILE A 204 10.49 -3.58 -22.59
C ILE A 204 11.10 -2.99 -21.32
N ALA A 205 11.36 -3.78 -20.27
CA ALA A 205 11.95 -3.30 -19.04
C ALA A 205 12.31 -4.51 -18.19
N CYS A 206 13.15 -4.26 -17.19
CA CYS A 206 13.52 -5.26 -16.20
C CYS A 206 14.17 -6.48 -16.86
N SER A 207 15.00 -6.22 -17.88
CA SER A 207 15.68 -7.29 -18.58
C SER A 207 16.70 -7.94 -17.68
N GLY A 208 16.61 -9.28 -17.52
CA GLY A 208 17.44 -9.97 -16.52
C GLY A 208 16.97 -9.86 -15.08
N GLY A 209 15.74 -9.42 -14.84
CA GLY A 209 15.23 -9.40 -13.47
C GLY A 209 15.46 -8.05 -12.77
N CYS A 210 14.64 -7.82 -11.74
CA CYS A 210 14.67 -6.58 -10.95
C CYS A 210 13.83 -6.86 -9.73
N GLN A 211 14.10 -6.11 -8.66
CA GLN A 211 13.37 -6.25 -7.42
C GLN A 211 12.13 -5.37 -7.44
N ALA A 212 11.07 -5.86 -6.81
CA ALA A 212 9.79 -5.14 -6.75
C ALA A 212 9.15 -5.37 -5.41
N ILE A 213 8.34 -4.40 -4.97
CA ILE A 213 7.52 -4.56 -3.78
C ILE A 213 6.05 -4.45 -4.20
N VAL A 214 5.21 -5.17 -3.46
CA VAL A 214 3.76 -5.10 -3.61
C VAL A 214 3.28 -4.14 -2.55
N ASP A 215 2.68 -3.02 -2.98
CA ASP A 215 2.46 -1.90 -2.08
C ASP A 215 1.07 -1.29 -2.26
N THR A 216 0.18 -1.61 -1.30
CA THR A 216 -1.18 -1.08 -1.35
C THR A 216 -1.22 0.43 -1.16
N GLY A 217 -0.23 0.97 -0.48
CA GLY A 217 -0.20 2.42 -0.23
C GLY A 217 0.33 3.29 -1.35
N THR A 218 0.58 2.74 -2.52
CA THR A 218 1.06 3.47 -3.68
C THR A 218 0.04 3.36 -4.79
N SER A 219 -0.36 4.49 -5.36
CA SER A 219 -1.46 4.44 -6.32
C SER A 219 -1.04 3.81 -7.64
N LEU A 220 0.15 4.15 -8.11
CA LEU A 220 0.56 3.85 -9.46
C LEU A 220 1.55 2.70 -9.47
N LEU A 221 1.84 2.25 -10.67
CA LEU A 221 2.92 1.31 -10.94
C LEU A 221 4.17 2.11 -11.23
N THR A 222 5.11 2.09 -10.31
CA THR A 222 6.30 2.92 -10.45
C THR A 222 7.57 2.06 -10.64
N GLY A 223 8.56 2.66 -11.25
CA GLY A 223 9.84 2.03 -11.44
C GLY A 223 10.94 3.06 -11.61
N PRO A 224 12.16 2.59 -11.84
CA PRO A 224 13.26 3.51 -12.16
C PRO A 224 12.87 4.47 -13.29
N THR A 225 13.25 5.74 -13.12
CA THR A 225 12.73 6.78 -14.02
C THR A 225 13.11 6.52 -15.46
N SER A 226 14.34 6.03 -15.68
CA SER A 226 14.82 5.69 -17.03
C SER A 226 13.98 4.62 -17.68
N ALA A 227 13.84 3.47 -17.01
CA ALA A 227 13.04 2.37 -17.50
C ALA A 227 11.60 2.81 -17.71
N ILE A 228 11.05 3.58 -16.78
CA ILE A 228 9.66 4.04 -16.94
C ILE A 228 9.54 4.87 -18.21
N ALA A 229 10.54 5.72 -18.47
CA ALA A 229 10.49 6.59 -19.65
C ALA A 229 10.29 5.79 -20.93
N ASN A 230 11.02 4.68 -21.09
CA ASN A 230 10.83 3.86 -22.29
C ASN A 230 9.40 3.32 -22.36
N ILE A 231 8.87 2.86 -21.21
CA ILE A 231 7.50 2.35 -21.19
C ILE A 231 6.52 3.44 -21.58
N GLN A 232 6.75 4.66 -21.07
CA GLN A 232 5.85 5.77 -21.40
C GLN A 232 5.82 6.01 -22.89
N SER A 233 6.94 5.82 -23.59
CA SER A 233 6.91 6.00 -25.04
C SER A 233 6.31 4.78 -25.73
N ASP A 234 6.57 3.58 -25.22
CA ASP A 234 6.07 2.38 -25.86
C ASP A 234 4.55 2.29 -25.83
N ILE A 235 3.89 2.98 -24.89
CA ILE A 235 2.43 3.03 -24.88
C ILE A 235 1.88 4.33 -25.46
N GLY A 236 2.73 5.31 -25.76
CA GLY A 236 2.28 6.54 -26.36
C GLY A 236 1.87 7.59 -25.36
N ALA A 237 2.73 7.86 -24.38
CA ALA A 237 2.48 8.87 -23.37
C ALA A 237 3.52 9.98 -23.48
N SER A 238 3.12 11.19 -23.09
CA SER A 238 4.05 12.31 -23.07
C SER A 238 3.52 13.40 -22.16
N GLU A 239 4.46 14.15 -21.58
CA GLU A 239 4.11 15.22 -20.66
C GLU A 239 3.33 16.31 -21.36
N ASN A 240 2.32 16.83 -20.68
CA ASN A 240 1.48 17.89 -21.21
C ASN A 240 2.06 19.25 -20.83
N SER A 241 1.30 20.29 -21.20
CA SER A 241 1.52 21.65 -20.72
C SER A 241 1.87 21.69 -19.24
N ASP A 242 1.05 21.05 -18.42
CA ASP A 242 1.08 21.22 -16.97
C ASP A 242 1.64 19.99 -16.24
N GLY A 243 2.31 19.10 -16.96
CA GLY A 243 3.06 18.03 -16.33
C GLY A 243 2.26 16.80 -15.93
N GLU A 244 1.61 16.16 -16.90
CA GLU A 244 0.96 14.88 -16.66
C GLU A 244 1.07 14.04 -17.93
N MET A 245 1.26 12.73 -17.75
CA MET A 245 1.52 11.82 -18.86
C MET A 245 0.21 11.46 -19.54
N VAL A 246 -0.13 12.20 -20.59
CA VAL A 246 -1.38 12.01 -21.31
C VAL A 246 -1.21 10.86 -22.31
N ILE A 247 -2.16 9.95 -22.31
CA ILE A 247 -2.30 8.93 -23.35
C ILE A 247 -3.63 9.24 -24.00
N SER A 248 -3.72 9.12 -25.34
CA SER A 248 -5.04 9.14 -25.96
C SER A 248 -5.99 8.16 -25.27
N CYS A 249 -7.28 8.56 -25.09
CA CYS A 249 -8.26 7.55 -24.65
C CYS A 249 -8.61 6.53 -25.74
N SER A 250 -8.13 6.82 -26.95
CA SER A 250 -8.22 6.00 -28.18
C SER A 250 -7.41 4.71 -28.12
N SER A 251 -6.39 4.68 -27.27
CA SER A 251 -5.43 3.62 -27.23
C SER A 251 -5.82 2.53 -26.27
N ILE A 252 -6.79 2.79 -25.38
CA ILE A 252 -7.26 1.74 -24.49
C ILE A 252 -7.78 0.56 -25.31
N ASP A 253 -8.25 0.81 -26.54
CA ASP A 253 -8.76 -0.30 -27.33
C ASP A 253 -7.69 -0.94 -28.23
N SER A 254 -6.69 -0.17 -28.62
CA SER A 254 -5.63 -0.55 -29.57
C SER A 254 -4.48 -1.34 -28.92
N LEU A 255 -3.90 -0.85 -27.83
CA LEU A 255 -2.65 -1.45 -27.40
C LEU A 255 -2.86 -2.80 -26.74
N PRO A 256 -1.81 -3.63 -26.71
CA PRO A 256 -1.88 -4.97 -26.07
C PRO A 256 -1.51 -4.87 -24.59
N ASP A 257 -1.72 -5.99 -23.89
CA ASP A 257 -1.42 -6.07 -22.48
C ASP A 257 0.07 -5.94 -22.24
N ILE A 258 0.43 -5.35 -21.09
CA ILE A 258 1.79 -5.36 -20.55
C ILE A 258 1.86 -6.48 -19.53
N VAL A 259 2.87 -7.32 -19.62
CA VAL A 259 2.91 -8.57 -18.88
C VAL A 259 4.07 -8.53 -17.90
N PHE A 260 3.78 -8.82 -16.64
CA PHE A 260 4.77 -8.94 -15.58
C PHE A 260 4.96 -10.42 -15.29
N THR A 261 6.21 -10.90 -15.44
CA THR A 261 6.55 -12.29 -15.12
C THR A 261 7.18 -12.33 -13.74
N ILE A 262 6.55 -13.11 -12.86
CA ILE A 262 6.91 -13.14 -11.47
C ILE A 262 7.04 -14.59 -11.07
N ASN A 263 8.21 -14.99 -10.60
CA ASN A 263 8.46 -16.40 -10.27
C ASN A 263 8.04 -17.30 -11.44
N GLY A 264 8.30 -16.83 -12.68
CA GLY A 264 8.05 -17.64 -13.85
C GLY A 264 6.62 -17.72 -14.31
N VAL A 265 5.71 -16.95 -13.71
CA VAL A 265 4.28 -16.97 -14.04
C VAL A 265 3.92 -15.60 -14.62
N GLN A 266 3.09 -15.60 -15.66
CA GLN A 266 2.75 -14.37 -16.36
C GLN A 266 1.54 -13.69 -15.73
N TYR A 267 1.67 -12.39 -15.46
CA TYR A 267 0.57 -11.60 -14.90
C TYR A 267 0.33 -10.42 -15.83
N PRO A 268 -0.65 -10.49 -16.72
CA PRO A 268 -0.91 -9.38 -17.61
C PRO A 268 -1.69 -8.25 -16.93
N LEU A 269 -1.41 -7.03 -17.41
CA LEU A 269 -2.21 -5.85 -17.15
C LEU A 269 -2.73 -5.35 -18.49
N SER A 270 -4.04 -5.24 -18.62
CA SER A 270 -4.64 -4.70 -19.85
C SER A 270 -4.54 -3.19 -19.87
N PRO A 271 -4.75 -2.58 -21.04
CA PRO A 271 -4.80 -1.11 -21.10
C PRO A 271 -5.86 -0.49 -20.18
N SER A 272 -6.98 -1.16 -19.97
CA SER A 272 -7.99 -0.63 -19.06
C SER A 272 -7.50 -0.61 -17.62
N ALA A 273 -6.45 -1.37 -17.29
CA ALA A 273 -5.85 -1.28 -15.98
C ALA A 273 -4.71 -0.28 -15.93
N TYR A 274 -3.81 -0.26 -16.92
CA TYR A 274 -2.65 0.63 -16.83
C TYR A 274 -2.88 1.99 -17.48
N ILE A 275 -4.10 2.28 -17.94
CA ILE A 275 -4.46 3.63 -18.40
C ILE A 275 -5.60 4.13 -17.51
N LEU A 276 -5.32 5.19 -16.75
CA LEU A 276 -6.32 5.77 -15.86
C LEU A 276 -7.29 6.64 -16.66
N GLN A 277 -8.58 6.36 -16.52
CA GLN A 277 -9.61 7.02 -17.31
C GLN A 277 -10.56 7.81 -16.41
N ASP A 278 -10.97 8.97 -16.90
CA ASP A 278 -11.97 9.80 -16.20
C ASP A 278 -12.68 10.73 -17.18
N ASP A 280 -12.95 11.04 -20.36
CA ASP A 280 -12.49 12.17 -21.14
C ASP A 280 -11.00 12.29 -21.20
N SER A 281 -10.45 12.08 -20.00
CA SER A 281 -9.08 12.37 -19.61
C SER A 281 -8.44 11.04 -19.25
N CYS A 282 -7.33 10.72 -19.91
CA CYS A 282 -6.68 9.40 -19.81
C CYS A 282 -5.19 9.62 -19.56
N THR A 283 -4.69 9.09 -18.44
CA THR A 283 -3.32 9.28 -18.04
C THR A 283 -2.62 7.92 -17.87
N SER A 284 -1.30 7.97 -17.78
CA SER A 284 -0.50 6.76 -17.62
C SER A 284 -0.62 6.23 -16.19
N GLY A 285 -0.78 4.93 -16.06
CA GLY A 285 -0.71 4.29 -14.77
C GLY A 285 0.70 4.11 -14.25
N PHE A 286 1.70 4.45 -15.06
CA PHE A 286 3.09 4.28 -14.69
C PHE A 286 3.66 5.61 -14.22
N GLU A 287 4.64 5.55 -13.32
CA GLU A 287 5.32 6.77 -12.94
C GLU A 287 6.71 6.48 -12.45
N GLY A 288 7.66 7.33 -12.85
CA GLY A 288 9.06 7.12 -12.40
C GLY A 288 9.26 7.56 -10.96
N MET A 289 10.08 6.78 -10.24
CA MET A 289 10.38 7.07 -8.84
C MET A 289 11.50 6.12 -8.46
N ASP A 290 12.65 6.64 -8.02
CA ASP A 290 13.87 5.86 -7.81
C ASP A 290 13.97 5.52 -6.33
N VAL A 291 13.93 4.23 -6.04
CA VAL A 291 13.90 3.72 -4.67
C VAL A 291 15.16 2.89 -4.47
N PRO A 292 16.28 3.50 -4.10
CA PRO A 292 17.53 2.73 -3.97
C PRO A 292 17.57 1.94 -2.67
N THR A 293 18.04 0.69 -2.77
CA THR A 293 18.21 -0.15 -1.59
C THR A 293 19.44 -1.04 -1.76
N SER A 294 19.74 -1.78 -0.69
CA SER A 294 20.77 -2.82 -0.71
C SER A 294 20.63 -3.75 -1.92
N SER A 295 19.46 -4.38 -2.01
CA SER A 295 19.23 -5.40 -3.04
C SER A 295 19.21 -4.81 -4.45
N GLY A 296 18.86 -3.53 -4.57
CA GLY A 296 18.78 -2.90 -5.87
C GLY A 296 17.67 -1.86 -5.90
N GLU A 297 17.50 -1.24 -7.07
CA GLU A 297 16.49 -0.21 -7.27
C GLU A 297 15.11 -0.85 -7.45
N LEU A 298 14.14 -0.40 -6.67
CA LEU A 298 12.89 -1.10 -6.52
C LEU A 298 11.83 -0.61 -7.49
N TRP A 299 11.11 -1.55 -8.06
CA TRP A 299 9.84 -1.27 -8.72
C TRP A 299 8.74 -1.35 -7.65
N ILE A 300 7.65 -0.65 -7.86
CA ILE A 300 6.53 -0.60 -6.94
C ILE A 300 5.30 -1.11 -7.69
N LEU A 301 4.80 -2.27 -7.29
CA LEU A 301 3.53 -2.77 -7.84
C LEU A 301 2.44 -2.23 -6.93
N GLY A 302 1.94 -1.05 -7.25
CA GLY A 302 0.92 -0.38 -6.46
C GLY A 302 -0.48 -0.74 -6.88
N ASP A 303 -1.42 0.14 -6.54
CA ASP A 303 -2.84 -0.23 -6.65
C ASP A 303 -3.23 -0.54 -8.09
N VAL A 304 -2.55 0.07 -9.06
CA VAL A 304 -2.85 -0.28 -10.47
C VAL A 304 -2.73 -1.78 -10.69
N PHE A 305 -1.70 -2.40 -10.10
CA PHE A 305 -1.48 -3.84 -10.28
C PHE A 305 -2.35 -4.65 -9.34
N ILE A 306 -2.39 -4.24 -8.07
CA ILE A 306 -3.13 -4.99 -7.06
C ILE A 306 -4.63 -5.02 -7.35
N ARG A 307 -5.15 -4.00 -8.04
CA ARG A 307 -6.58 -4.05 -8.40
C ARG A 307 -6.92 -5.23 -9.28
N GLN A 308 -5.94 -5.75 -10.03
CA GLN A 308 -6.19 -6.85 -10.94
C GLN A 308 -5.84 -8.21 -10.32
N TYR A 309 -5.16 -8.23 -9.19
CA TYR A 309 -4.70 -9.48 -8.56
C TYR A 309 -4.96 -9.43 -7.07
N TYR A 310 -5.90 -10.25 -6.61
CA TYR A 310 -6.06 -10.52 -5.20
C TYR A 310 -4.73 -10.97 -4.62
N THR A 311 -4.36 -10.44 -3.48
CA THR A 311 -3.03 -10.61 -2.95
C THR A 311 -3.08 -11.11 -1.53
N VAL A 312 -2.30 -12.16 -1.30
CA VAL A 312 -2.18 -12.74 0.03
C VAL A 312 -0.76 -12.52 0.53
N PHE A 313 -0.64 -12.00 1.74
CA PHE A 313 0.63 -11.69 2.34
C PHE A 313 0.80 -12.68 3.49
N ASP A 314 1.71 -13.64 3.33
CA ASP A 314 1.82 -14.77 4.28
C ASP A 314 3.11 -14.67 5.07
N ARG A 315 3.01 -14.33 6.35
CA ARG A 315 4.17 -14.25 7.20
C ARG A 315 4.57 -15.61 7.77
N ALA A 316 3.67 -16.59 7.76
CA ALA A 316 4.04 -17.93 8.20
C ALA A 316 5.19 -18.50 7.36
N ASN A 317 5.07 -18.40 6.03
CA ASN A 317 6.08 -18.93 5.11
C ASN A 317 6.78 -17.87 4.28
N ASN A 318 6.56 -16.58 4.57
CA ASN A 318 7.24 -15.47 3.87
C ASN A 318 7.05 -15.58 2.36
N LYS A 319 5.76 -15.58 1.95
CA LYS A 319 5.41 -15.61 0.56
C LYS A 319 4.26 -14.64 0.28
N VAL A 320 4.14 -14.28 -0.99
CA VAL A 320 3.04 -13.49 -1.51
C VAL A 320 2.24 -14.37 -2.46
N GLY A 321 0.92 -14.38 -2.30
CA GLY A 321 0.03 -15.12 -3.20
C GLY A 321 -0.71 -14.18 -4.12
N LEU A 322 -0.84 -14.58 -5.37
CA LEU A 322 -1.48 -13.77 -6.40
C LEU A 322 -2.48 -14.60 -7.17
N ALA A 323 -3.63 -14.02 -7.46
CA ALA A 323 -4.61 -14.64 -8.34
C ALA A 323 -5.46 -13.54 -8.96
N PRO A 324 -5.89 -13.71 -10.22
CA PRO A 324 -6.75 -12.69 -10.85
C PRO A 324 -8.00 -12.44 -10.05
N VAL A 325 -8.39 -11.17 -9.92
CA VAL A 325 -9.60 -10.84 -9.17
C VAL A 325 -10.81 -11.39 -9.91
N ALA A 326 -11.87 -11.68 -9.15
CA ALA A 326 -13.15 -12.10 -9.75
C ALA A 326 -13.69 -10.95 -10.60
#